data_5U6C
#
_entry.id   5U6C
#
_cell.length_a   51.692
_cell.length_b   92.330
_cell.length_c   69.269
_cell.angle_alpha   90.00
_cell.angle_beta   100.80
_cell.angle_gamma   90.00
#
_symmetry.space_group_name_H-M   'P 1 21 1'
#
loop_
_entity.id
_entity.type
_entity.pdbx_description
1 polymer 'Tyrosine-protein kinase Mer'
2 non-polymer (10R)-7-amino-11-chloro-12-fluoro-1-(2-hydroxyethyl)-3,10,16-trimethyl-16,17-dihydro-1H-8,4-(azeno)pyrazolo[4,3-h][2,5,11]benzoxadiazacyclotetradecin-15(10H)-one
3 water water
#
_entity_poly.entity_id   1
_entity_poly.type   'polypeptide(L)'
_entity_poly.pdbx_seq_one_letter_code
;MGSSHHHHHHSSGENLYFQGSEELQNKLEDVVIDRNLLILGKILGEGEFGSVMEGNLKQEDGTSLKVAVKTMKLDNSSQR
EIEEFLSEAACMKDFSHPNVMRLLGVCIEMSSQGIPKPMVILPFMKYGDLHTYLLYSRLETGPKHIPLQTLLKFMVDIAL
GMEYLSNRNFLHRDLAARNCMLRDDMTVCVADFGLSKKIYSGDYYRQGRIAKMPVKWIAIESLADRVYTSKSDVWAFGVT
MWEIATRGMTPYPGVQNHEMYDYLLHGHRLKQPEDCLDELYEIMYSCWRTDPLDRPTFSVLRLQLEKLLESLPDV
;
_entity_poly.pdbx_strand_id   A,B
#
# COMPACT_ATOMS: atom_id res chain seq x y z
N GLU A 23 37.56 22.38 -11.95
CA GLU A 23 36.10 22.37 -12.06
C GLU A 23 35.45 21.31 -11.13
N LEU A 24 36.08 20.12 -10.99
CA LEU A 24 35.61 19.02 -10.14
C LEU A 24 35.60 19.43 -8.65
N GLN A 25 36.57 20.27 -8.24
CA GLN A 25 36.69 20.80 -6.88
C GLN A 25 35.91 22.11 -6.70
N ASN A 26 35.57 22.81 -7.82
CA ASN A 26 34.81 24.08 -7.83
C ASN A 26 33.33 23.86 -7.46
N LYS A 27 32.70 22.79 -8.02
CA LYS A 27 31.31 22.38 -7.75
C LYS A 27 31.23 21.85 -6.32
N LEU A 28 32.33 21.23 -5.85
CA LEU A 28 32.50 20.67 -4.51
C LEU A 28 32.54 21.80 -3.48
N GLU A 29 33.43 22.81 -3.67
CA GLU A 29 33.65 23.95 -2.78
C GLU A 29 32.41 24.76 -2.41
N ASP A 30 31.48 24.93 -3.38
CA ASP A 30 30.25 25.70 -3.18
C ASP A 30 29.17 25.00 -2.31
N VAL A 31 29.20 23.66 -2.24
CA VAL A 31 28.23 22.87 -1.47
C VAL A 31 28.85 22.15 -0.25
N VAL A 32 30.20 21.96 -0.25
CA VAL A 32 30.91 21.20 0.77
C VAL A 32 30.87 21.83 2.19
N ILE A 33 30.69 20.95 3.17
CA ILE A 33 30.68 21.22 4.61
C ILE A 33 31.74 20.26 5.15
N ASP A 34 32.63 20.78 6.01
CA ASP A 34 33.68 19.99 6.66
C ASP A 34 33.02 18.82 7.41
N ARG A 35 33.56 17.60 7.24
CA ARG A 35 33.05 16.38 7.85
C ARG A 35 33.03 16.41 9.39
N ASN A 36 33.99 17.09 10.02
CA ASN A 36 34.07 17.19 11.47
C ASN A 36 32.97 18.10 12.08
N LEU A 37 32.22 18.83 11.25
CA LEU A 37 31.13 19.68 11.69
C LEU A 37 29.84 18.85 11.82
N LEU A 38 29.90 17.59 11.34
CA LEU A 38 28.75 16.70 11.32
C LEU A 38 28.91 15.47 12.25
N ILE A 39 27.87 15.21 13.06
CA ILE A 39 27.79 14.06 13.97
C ILE A 39 26.61 13.17 13.52
N LEU A 40 26.87 11.89 13.17
CA LEU A 40 25.84 10.96 12.70
C LEU A 40 25.20 10.18 13.82
N GLY A 41 23.87 10.10 13.79
CA GLY A 41 23.08 9.38 14.77
C GLY A 41 22.46 8.11 14.26
N LYS A 42 21.24 7.82 14.70
CA LYS A 42 20.49 6.60 14.32
C LYS A 42 19.83 6.71 12.94
N ILE A 43 19.62 5.53 12.32
CA ILE A 43 19.00 5.36 11.02
C ILE A 43 17.51 5.68 11.11
N LEU A 44 17.02 6.54 10.19
CA LEU A 44 15.60 6.93 10.08
C LEU A 44 14.98 6.10 8.98
N GLY A 45 15.79 5.68 8.02
CA GLY A 45 15.38 4.87 6.88
C GLY A 45 16.55 4.22 6.20
N GLU A 46 16.38 2.97 5.76
CA GLU A 46 17.44 2.24 5.07
C GLU A 46 16.97 1.72 3.72
N GLY A 47 17.93 1.41 2.87
CA GLY A 47 17.67 0.90 1.53
C GLY A 47 18.84 0.14 0.95
N GLU A 48 18.83 0.00 -0.39
CA GLU A 48 19.83 -0.71 -1.16
C GLU A 48 20.94 0.27 -1.58
N PHE A 49 20.55 1.42 -2.17
CA PHE A 49 21.44 2.48 -2.64
C PHE A 49 21.77 3.55 -1.59
N GLY A 50 21.51 3.27 -0.31
CA GLY A 50 21.83 4.20 0.77
C GLY A 50 20.86 4.31 1.93
N SER A 51 21.37 4.84 3.05
CA SER A 51 20.61 5.02 4.28
C SER A 51 20.46 6.50 4.64
N VAL A 52 19.42 6.79 5.43
CA VAL A 52 19.12 8.10 5.95
C VAL A 52 19.31 8.04 7.47
N MET A 53 20.07 8.97 8.01
CA MET A 53 20.35 9.06 9.44
C MET A 53 19.98 10.41 9.98
N GLU A 54 19.66 10.48 11.28
CA GLU A 54 19.47 11.77 11.93
C GLU A 54 20.90 12.24 12.28
N GLY A 55 21.05 13.54 12.52
CA GLY A 55 22.36 14.07 12.84
C GLY A 55 22.35 15.47 13.40
N ASN A 56 23.54 15.94 13.79
CA ASN A 56 23.79 17.28 14.30
C ASN A 56 24.83 17.93 13.44
N LEU A 57 24.55 19.15 13.03
CA LEU A 57 25.49 19.92 12.22
C LEU A 57 25.89 21.17 12.99
N LYS A 58 27.20 21.36 13.20
CA LYS A 58 27.67 22.56 13.90
C LYS A 58 27.67 23.72 12.88
N GLN A 59 26.91 24.80 13.18
CA GLN A 59 26.74 26.00 12.35
C GLN A 59 27.96 26.93 12.56
N GLU A 60 28.10 27.98 11.74
CA GLU A 60 29.25 28.88 11.86
C GLU A 60 29.13 29.78 13.08
N ASP A 61 27.89 30.06 13.54
CA ASP A 61 27.63 30.84 14.76
C ASP A 61 27.85 30.04 16.06
N GLY A 62 28.43 28.84 15.97
CA GLY A 62 28.73 27.99 17.12
C GLY A 62 27.62 27.02 17.54
N THR A 63 26.34 27.37 17.27
CA THR A 63 25.19 26.53 17.63
C THR A 63 25.11 25.30 16.73
N SER A 64 24.37 24.28 17.18
CA SER A 64 24.19 23.04 16.42
C SER A 64 22.76 22.92 15.93
N LEU A 65 22.60 22.39 14.72
CA LEU A 65 21.31 22.23 14.04
C LEU A 65 21.00 20.77 13.80
N LYS A 66 19.74 20.38 14.07
CA LYS A 66 19.30 19.01 13.82
C LYS A 66 19.14 18.77 12.30
N VAL A 67 19.76 17.71 11.79
CA VAL A 67 19.74 17.43 10.36
C VAL A 67 19.34 16.00 10.01
N ALA A 68 18.91 15.78 8.76
CA ALA A 68 18.73 14.45 8.20
C ALA A 68 19.89 14.31 7.18
N VAL A 69 20.57 13.16 7.17
CA VAL A 69 21.76 12.90 6.33
C VAL A 69 21.48 11.73 5.38
N LYS A 70 21.41 12.00 4.08
CA LYS A 70 21.15 10.96 3.09
C LYS A 70 22.47 10.46 2.46
N THR A 71 22.88 9.23 2.81
CA THR A 71 24.07 8.60 2.22
C THR A 71 23.68 8.01 0.87
N MET A 72 24.53 8.19 -0.12
CA MET A 72 24.25 7.69 -1.45
C MET A 72 25.40 6.89 -2.04
N LYS A 73 25.16 5.60 -2.31
CA LYS A 73 26.18 4.74 -2.92
C LYS A 73 26.14 4.96 -4.43
N LEU A 74 27.14 5.71 -4.92
CA LEU A 74 27.27 6.02 -6.34
C LEU A 74 28.26 5.08 -7.01
N ASP A 75 28.10 4.90 -8.32
CA ASP A 75 28.98 4.07 -9.16
C ASP A 75 30.31 4.81 -9.25
N ASN A 76 31.33 4.29 -8.56
CA ASN A 76 32.67 4.88 -8.52
C ASN A 76 33.63 4.34 -9.62
N SER A 77 33.08 3.60 -10.61
CA SER A 77 33.86 3.08 -11.74
C SER A 77 34.29 4.23 -12.68
N SER A 78 33.51 5.33 -12.69
CA SER A 78 33.79 6.60 -13.38
C SER A 78 33.33 7.74 -12.46
N GLN A 79 33.74 8.99 -12.76
CA GLN A 79 33.31 10.11 -11.94
C GLN A 79 32.02 10.79 -12.48
N ARG A 80 31.32 10.12 -13.43
CA ARG A 80 30.09 10.65 -14.05
C ARG A 80 28.90 10.76 -13.04
N GLU A 81 28.73 9.78 -12.13
CA GLU A 81 27.65 9.83 -11.14
C GLU A 81 27.91 10.91 -10.06
N ILE A 82 29.19 11.09 -9.62
CA ILE A 82 29.52 12.16 -8.66
C ILE A 82 29.40 13.54 -9.35
N GLU A 83 29.73 13.62 -10.65
CA GLU A 83 29.60 14.81 -11.49
C GLU A 83 28.12 15.24 -11.56
N GLU A 84 27.23 14.25 -11.80
CA GLU A 84 25.77 14.41 -11.88
C GLU A 84 25.20 14.82 -10.51
N PHE A 85 25.72 14.20 -9.42
CA PHE A 85 25.36 14.45 -8.03
C PHE A 85 25.67 15.90 -7.64
N LEU A 86 26.96 16.30 -7.78
CA LEU A 86 27.45 17.64 -7.44
C LEU A 86 26.72 18.76 -8.19
N SER A 87 26.43 18.57 -9.49
CA SER A 87 25.71 19.55 -10.34
C SER A 87 24.26 19.73 -9.84
N GLU A 88 23.60 18.64 -9.42
CA GLU A 88 22.25 18.65 -8.86
C GLU A 88 22.29 19.38 -7.51
N ALA A 89 23.32 19.08 -6.67
CA ALA A 89 23.54 19.70 -5.35
C ALA A 89 23.80 21.20 -5.44
N ALA A 90 24.41 21.67 -6.56
CA ALA A 90 24.67 23.09 -6.82
C ALA A 90 23.32 23.82 -7.01
N CYS A 91 22.38 23.20 -7.77
CA CYS A 91 21.02 23.71 -7.99
C CYS A 91 20.26 23.73 -6.66
N MET A 92 20.27 22.58 -5.97
CA MET A 92 19.59 22.34 -4.69
C MET A 92 20.02 23.31 -3.58
N LYS A 93 21.28 23.77 -3.58
CA LYS A 93 21.77 24.71 -2.57
C LYS A 93 21.14 26.11 -2.71
N ASP A 94 20.84 26.54 -3.96
CA ASP A 94 20.30 27.88 -4.21
C ASP A 94 18.75 27.98 -4.07
N PHE A 95 18.03 26.83 -4.01
CA PHE A 95 16.57 26.79 -3.82
C PHE A 95 16.15 27.56 -2.56
N SER A 96 15.40 28.65 -2.75
CA SER A 96 14.93 29.49 -1.64
C SER A 96 13.43 29.78 -1.81
N HIS A 97 12.60 28.94 -1.21
CA HIS A 97 11.15 29.07 -1.27
C HIS A 97 10.60 28.34 -0.06
N PRO A 98 9.56 28.87 0.65
CA PRO A 98 9.02 28.14 1.83
C PRO A 98 8.47 26.72 1.56
N ASN A 99 7.98 26.44 0.34
CA ASN A 99 7.45 25.11 -0.01
C ASN A 99 8.44 24.22 -0.77
N VAL A 100 9.74 24.49 -0.61
CA VAL A 100 10.84 23.71 -1.23
C VAL A 100 11.89 23.49 -0.15
N MET A 101 12.30 22.24 0.09
CA MET A 101 13.33 21.95 1.07
C MET A 101 14.68 22.43 0.54
N ARG A 102 15.42 23.17 1.38
CA ARG A 102 16.75 23.67 1.04
C ARG A 102 17.79 22.57 1.31
N LEU A 103 18.93 22.66 0.65
CA LEU A 103 20.03 21.72 0.87
C LEU A 103 21.03 22.50 1.72
N LEU A 104 21.40 21.97 2.88
CA LEU A 104 22.36 22.63 3.78
C LEU A 104 23.76 22.51 3.26
N GLY A 105 24.06 21.37 2.65
CA GLY A 105 25.35 21.12 2.03
C GLY A 105 25.59 19.67 1.74
N VAL A 106 26.86 19.36 1.38
CA VAL A 106 27.36 18.02 1.06
C VAL A 106 28.61 17.71 1.93
N CYS A 107 28.63 16.54 2.60
CA CYS A 107 29.75 16.03 3.38
C CYS A 107 30.32 14.82 2.65
N ILE A 108 31.64 14.57 2.77
CA ILE A 108 32.32 13.44 2.14
C ILE A 108 32.88 12.54 3.24
N GLU A 109 32.50 11.25 3.21
CA GLU A 109 33.03 10.22 4.11
C GLU A 109 34.09 9.49 3.24
N MET A 110 35.35 9.44 3.70
CA MET A 110 36.45 8.82 2.96
C MET A 110 37.01 7.60 3.71
N ILE A 115 37.92 5.28 -0.59
CA ILE A 115 36.66 5.26 -1.32
C ILE A 115 35.76 6.45 -0.89
N PRO A 116 35.51 7.44 -1.78
CA PRO A 116 34.66 8.58 -1.38
C PRO A 116 33.16 8.26 -1.38
N LYS A 117 32.47 8.68 -0.32
CA LYS A 117 31.03 8.45 -0.14
C LYS A 117 30.33 9.79 0.19
N PRO A 118 29.63 10.42 -0.78
CA PRO A 118 28.97 11.71 -0.49
C PRO A 118 27.69 11.56 0.32
N MET A 119 27.39 12.58 1.12
CA MET A 119 26.24 12.63 2.00
C MET A 119 25.54 13.96 1.84
N VAL A 120 24.22 13.91 1.63
CA VAL A 120 23.38 15.09 1.48
C VAL A 120 22.89 15.49 2.88
N ILE A 121 23.09 16.78 3.25
CA ILE A 121 22.71 17.34 4.55
C ILE A 121 21.45 18.17 4.39
N LEU A 122 20.39 17.77 5.09
CA LEU A 122 19.10 18.43 4.97
C LEU A 122 18.54 18.89 6.32
N PRO A 123 17.69 19.95 6.37
CA PRO A 123 17.07 20.31 7.66
C PRO A 123 16.21 19.15 8.19
N PHE A 124 16.28 18.87 9.49
CA PHE A 124 15.51 17.78 10.10
C PHE A 124 14.05 18.20 10.28
N MET A 125 13.11 17.34 9.82
CA MET A 125 11.66 17.59 9.90
C MET A 125 11.06 16.50 10.77
N LYS A 126 10.87 16.81 12.09
CA LYS A 126 10.33 15.90 13.11
C LYS A 126 8.99 15.27 12.71
N TYR A 127 8.15 16.01 11.98
CA TYR A 127 6.83 15.60 11.54
C TYR A 127 6.83 14.56 10.39
N GLY A 128 8.01 14.26 9.81
CA GLY A 128 8.14 13.26 8.77
C GLY A 128 7.52 13.61 7.44
N ASP A 129 7.14 12.58 6.67
CA ASP A 129 6.57 12.74 5.32
C ASP A 129 5.04 12.80 5.35
N LEU A 130 4.48 13.46 4.33
CA LEU A 130 3.05 13.63 4.12
C LEU A 130 2.27 12.31 3.99
N HIS A 131 2.82 11.32 3.26
CA HIS A 131 2.12 10.05 3.03
C HIS A 131 1.80 9.37 4.36
N THR A 132 2.83 9.18 5.20
CA THR A 132 2.70 8.60 6.55
C THR A 132 1.75 9.44 7.43
N TYR A 133 1.83 10.78 7.32
CA TYR A 133 0.94 11.67 8.09
C TYR A 133 -0.52 11.40 7.73
N LEU A 134 -0.84 11.28 6.40
CA LEU A 134 -2.19 11.01 5.87
C LEU A 134 -2.76 9.69 6.41
N LEU A 135 -1.94 8.62 6.41
CA LEU A 135 -2.35 7.31 6.93
C LEU A 135 -2.63 7.38 8.43
N TYR A 136 -1.74 8.07 9.21
CA TYR A 136 -1.87 8.25 10.66
C TYR A 136 -3.15 8.99 11.03
N SER A 137 -3.58 9.93 10.17
CA SER A 137 -4.77 10.76 10.41
C SER A 137 -6.05 9.91 10.41
N ARG A 138 -5.95 8.70 9.86
CA ARG A 138 -7.06 7.76 9.79
C ARG A 138 -7.08 6.80 10.99
N LEU A 139 -6.25 7.08 11.99
CA LEU A 139 -6.15 6.32 13.24
C LEU A 139 -6.43 7.28 14.38
N GLU A 140 -7.40 6.93 15.26
CA GLU A 140 -7.88 7.71 16.42
C GLU A 140 -6.81 8.43 17.23
N THR A 141 -5.67 7.75 17.51
CA THR A 141 -4.54 8.29 18.28
C THR A 141 -3.66 9.24 17.47
N GLY A 142 -3.68 9.09 16.15
CA GLY A 142 -2.89 9.91 15.25
C GLY A 142 -3.53 11.28 15.06
N PRO A 143 -2.99 12.12 14.13
CA PRO A 143 -3.60 13.45 13.89
C PRO A 143 -5.10 13.35 13.61
N LYS A 144 -5.86 14.42 13.93
CA LYS A 144 -7.31 14.44 13.76
C LYS A 144 -7.69 14.30 12.27
N HIS A 145 -8.98 14.00 11.99
CA HIS A 145 -9.50 13.85 10.63
C HIS A 145 -9.16 15.11 9.84
N ILE A 146 -8.36 14.96 8.76
CA ILE A 146 -7.94 16.12 7.97
C ILE A 146 -9.15 16.69 7.19
N PRO A 147 -9.60 17.92 7.48
CA PRO A 147 -10.72 18.48 6.71
C PRO A 147 -10.28 18.82 5.29
N LEU A 148 -11.25 18.87 4.35
CA LEU A 148 -11.05 19.18 2.93
C LEU A 148 -10.14 20.40 2.72
N GLN A 149 -10.37 21.48 3.49
CA GLN A 149 -9.61 22.73 3.46
C GLN A 149 -8.12 22.50 3.70
N THR A 150 -7.76 21.65 4.68
CA THR A 150 -6.37 21.34 5.04
C THR A 150 -5.74 20.41 3.96
N LEU A 151 -6.56 19.54 3.30
CA LEU A 151 -6.09 18.67 2.21
C LEU A 151 -5.73 19.52 1.00
N LEU A 152 -6.62 20.49 0.67
CA LEU A 152 -6.43 21.44 -0.43
C LEU A 152 -5.24 22.35 -0.17
N LYS A 153 -5.05 22.76 1.10
CA LYS A 153 -3.91 23.60 1.49
C LYS A 153 -2.58 22.85 1.23
N PHE A 154 -2.54 21.54 1.47
CA PHE A 154 -1.36 20.69 1.18
C PHE A 154 -1.05 20.69 -0.30
N MET A 155 -2.08 20.61 -1.14
CA MET A 155 -2.00 20.59 -2.60
C MET A 155 -1.48 21.90 -3.13
N VAL A 156 -2.00 23.02 -2.61
CA VAL A 156 -1.54 24.39 -2.90
C VAL A 156 -0.06 24.54 -2.55
N ASP A 157 0.37 24.05 -1.35
CA ASP A 157 1.76 24.14 -0.90
C ASP A 157 2.72 23.41 -1.86
N ILE A 158 2.36 22.19 -2.29
CA ILE A 158 3.18 21.40 -3.25
C ILE A 158 3.18 22.10 -4.62
N ALA A 159 2.04 22.65 -5.05
CA ALA A 159 1.91 23.33 -6.34
C ALA A 159 2.79 24.60 -6.36
N LEU A 160 2.86 25.34 -5.23
CA LEU A 160 3.73 26.52 -5.11
C LEU A 160 5.20 26.09 -5.22
N GLY A 161 5.57 25.03 -4.51
CA GLY A 161 6.93 24.48 -4.55
C GLY A 161 7.32 23.99 -5.92
N MET A 162 6.41 23.26 -6.58
CA MET A 162 6.67 22.76 -7.94
C MET A 162 6.68 23.89 -8.98
N GLU A 163 5.85 24.93 -8.79
CA GLU A 163 5.83 26.12 -9.66
C GLU A 163 7.21 26.84 -9.57
N TYR A 164 7.80 26.93 -8.35
CA TYR A 164 9.11 27.54 -8.12
C TYR A 164 10.20 26.73 -8.87
N LEU A 165 10.14 25.39 -8.80
CA LEU A 165 11.06 24.48 -9.49
C LEU A 165 10.96 24.58 -11.02
N SER A 166 9.72 24.53 -11.55
CA SER A 166 9.42 24.64 -12.99
C SER A 166 9.94 25.98 -13.57
N ASN A 167 9.77 27.10 -12.82
CA ASN A 167 10.24 28.46 -13.19
C ASN A 167 11.77 28.51 -13.42
N ARG A 168 12.51 27.67 -12.66
CA ARG A 168 13.97 27.53 -12.71
C ARG A 168 14.37 26.37 -13.61
N ASN A 169 13.41 25.81 -14.37
CA ASN A 169 13.61 24.66 -15.28
C ASN A 169 14.25 23.44 -14.57
N PHE A 170 13.90 23.24 -13.28
CA PHE A 170 14.43 22.13 -12.49
C PHE A 170 13.38 21.02 -12.47
N LEU A 171 13.72 19.88 -13.09
CA LEU A 171 12.89 18.69 -13.16
C LEU A 171 13.03 17.95 -11.84
N HIS A 172 11.91 17.61 -11.16
CA HIS A 172 11.90 16.86 -9.89
C HIS A 172 12.16 15.38 -10.17
N ARG A 173 11.29 14.71 -10.98
CA ARG A 173 11.40 13.31 -11.44
C ARG A 173 10.97 12.24 -10.40
N ASP A 174 10.65 12.65 -9.14
CA ASP A 174 10.17 11.69 -8.15
C ASP A 174 9.06 12.29 -7.25
N LEU A 175 8.13 13.03 -7.84
CA LEU A 175 7.05 13.63 -7.07
C LEU A 175 6.00 12.60 -6.62
N ALA A 176 5.84 12.50 -5.30
CA ALA A 176 4.88 11.62 -4.63
C ALA A 176 4.66 12.18 -3.25
N ALA A 177 3.56 11.80 -2.57
CA ALA A 177 3.23 12.25 -1.20
C ALA A 177 4.33 11.81 -0.22
N ARG A 178 4.95 10.61 -0.47
CA ARG A 178 6.04 10.07 0.35
C ARG A 178 7.28 10.96 0.30
N ASN A 179 7.37 11.86 -0.72
CA ASN A 179 8.50 12.78 -0.94
C ASN A 179 8.17 14.23 -0.62
N CYS A 180 7.01 14.47 0.01
CA CYS A 180 6.60 15.77 0.49
C CYS A 180 6.71 15.75 2.00
N MET A 181 7.43 16.72 2.58
CA MET A 181 7.72 16.75 4.02
C MET A 181 6.97 17.84 4.75
N LEU A 182 6.58 17.61 6.01
CA LEU A 182 5.87 18.65 6.76
C LEU A 182 6.85 19.42 7.61
N ARG A 183 6.80 20.74 7.52
CA ARG A 183 7.64 21.63 8.35
C ARG A 183 7.00 21.72 9.73
N ASP A 184 7.75 22.22 10.74
CA ASP A 184 7.26 22.40 12.11
C ASP A 184 5.95 23.19 12.21
N ASP A 185 5.70 24.11 11.25
CA ASP A 185 4.46 24.93 11.20
C ASP A 185 3.32 24.24 10.41
N MET A 186 3.51 22.95 10.07
CA MET A 186 2.59 22.07 9.32
C MET A 186 2.38 22.50 7.84
N THR A 187 3.24 23.39 7.28
CA THR A 187 3.18 23.70 5.85
C THR A 187 3.99 22.57 5.15
N VAL A 188 3.62 22.22 3.91
CA VAL A 188 4.27 21.13 3.16
C VAL A 188 5.37 21.66 2.27
N CYS A 189 6.45 20.90 2.11
CA CYS A 189 7.50 21.29 1.20
C CYS A 189 7.85 20.12 0.30
N VAL A 190 8.20 20.43 -0.93
CA VAL A 190 8.66 19.43 -1.89
C VAL A 190 10.10 19.07 -1.50
N ALA A 191 10.41 17.80 -1.49
CA ALA A 191 11.72 17.32 -1.08
C ALA A 191 12.16 16.17 -1.98
N ASP A 192 13.36 15.60 -1.69
CA ASP A 192 14.00 14.47 -2.39
C ASP A 192 14.54 14.86 -3.74
N PHE A 193 13.67 15.37 -4.63
CA PHE A 193 13.94 15.87 -5.99
C PHE A 193 14.56 14.82 -6.91
N GLY A 194 14.09 13.56 -6.78
CA GLY A 194 14.52 12.41 -7.56
C GLY A 194 16.00 12.20 -7.74
N LEU A 195 16.80 12.47 -6.68
CA LEU A 195 18.26 12.37 -6.69
C LEU A 195 18.75 10.93 -6.92
N SER A 196 18.96 10.59 -8.22
CA SER A 196 19.41 9.30 -8.81
C SER A 196 19.18 9.31 -10.32
N PRO A 214 7.67 2.49 -8.16
CA PRO A 214 7.70 3.91 -8.58
C PRO A 214 6.82 4.19 -9.80
N VAL A 215 6.50 3.13 -10.56
CA VAL A 215 5.75 3.06 -11.82
C VAL A 215 4.44 3.85 -11.84
N LYS A 216 3.62 3.72 -10.78
CA LYS A 216 2.30 4.34 -10.67
C LYS A 216 2.28 5.90 -10.59
N TRP A 217 3.45 6.54 -10.61
CA TRP A 217 3.58 8.01 -10.60
C TRP A 217 4.18 8.51 -11.92
N ILE A 218 4.65 7.58 -12.77
CA ILE A 218 5.33 7.87 -14.03
C ILE A 218 4.32 8.15 -15.16
N ALA A 219 4.47 9.31 -15.83
CA ALA A 219 3.63 9.74 -16.96
C ALA A 219 3.70 8.72 -18.10
N ILE A 220 2.61 8.61 -18.88
CA ILE A 220 2.46 7.66 -20.00
C ILE A 220 3.67 7.74 -21.00
N GLU A 221 4.07 8.95 -21.42
CA GLU A 221 5.20 9.17 -22.33
C GLU A 221 6.55 8.79 -21.71
N SER A 222 6.67 8.85 -20.37
CA SER A 222 7.89 8.47 -19.66
C SER A 222 8.02 6.95 -19.50
N LEU A 223 6.89 6.22 -19.50
CA LEU A 223 6.90 4.75 -19.44
C LEU A 223 7.40 4.19 -20.78
N ALA A 224 6.82 4.67 -21.91
CA ALA A 224 7.14 4.29 -23.28
C ALA A 224 8.62 4.54 -23.61
N ASP A 225 9.04 5.82 -23.55
CA ASP A 225 10.42 6.26 -23.81
C ASP A 225 10.97 6.97 -22.57
N ARG A 226 12.31 6.98 -22.39
CA ARG A 226 12.96 7.63 -21.23
C ARG A 226 12.74 9.17 -21.13
N VAL A 227 11.93 9.74 -22.04
CA VAL A 227 11.54 11.16 -22.16
C VAL A 227 11.01 11.73 -20.82
N TYR A 228 11.43 12.97 -20.48
CA TYR A 228 11.01 13.66 -19.25
C TYR A 228 10.99 15.19 -19.39
N THR A 229 9.89 15.83 -18.94
CA THR A 229 9.69 17.28 -18.93
C THR A 229 8.99 17.70 -17.61
N SER A 230 8.72 19.01 -17.45
CA SER A 230 7.98 19.52 -16.30
C SER A 230 6.53 19.00 -16.35
N LYS A 231 6.06 18.63 -17.54
CA LYS A 231 4.73 18.08 -17.80
C LYS A 231 4.60 16.66 -17.27
N SER A 232 5.71 15.91 -17.26
CA SER A 232 5.78 14.56 -16.67
C SER A 232 5.65 14.73 -15.13
N ASP A 233 6.26 15.79 -14.58
CA ASP A 233 6.17 16.16 -13.16
C ASP A 233 4.72 16.56 -12.83
N VAL A 234 4.00 17.25 -13.79
CA VAL A 234 2.58 17.63 -13.65
C VAL A 234 1.73 16.34 -13.53
N TRP A 235 2.09 15.26 -14.28
CA TRP A 235 1.39 13.97 -14.18
C TRP A 235 1.54 13.41 -12.76
N ALA A 236 2.80 13.34 -12.23
CA ALA A 236 3.10 12.85 -10.88
C ALA A 236 2.40 13.70 -9.82
N PHE A 237 2.18 14.99 -10.09
CA PHE A 237 1.44 15.94 -9.19
C PHE A 237 -0.03 15.54 -9.10
N GLY A 238 -0.65 15.21 -10.24
CA GLY A 238 -2.04 14.77 -10.27
C GLY A 238 -2.20 13.49 -9.48
N VAL A 239 -1.19 12.60 -9.56
CA VAL A 239 -1.16 11.35 -8.83
C VAL A 239 -1.03 11.66 -7.32
N THR A 240 -0.17 12.66 -6.97
CA THR A 240 0.04 13.12 -5.59
C THR A 240 -1.28 13.72 -5.04
N MET A 241 -2.03 14.50 -5.85
CA MET A 241 -3.32 15.11 -5.45
C MET A 241 -4.32 14.03 -5.09
N TRP A 242 -4.32 12.93 -5.86
CA TRP A 242 -5.17 11.77 -5.66
C TRP A 242 -4.84 11.08 -4.32
N GLU A 243 -3.53 10.90 -4.01
CA GLU A 243 -3.02 10.33 -2.73
C GLU A 243 -3.54 11.14 -1.53
N ILE A 244 -3.49 12.45 -1.62
CA ILE A 244 -3.97 13.35 -0.57
C ILE A 244 -5.50 13.23 -0.40
N ALA A 245 -6.24 13.32 -1.50
CA ALA A 245 -7.72 13.22 -1.52
C ALA A 245 -8.25 11.90 -0.98
N THR A 246 -7.49 10.80 -1.15
CA THR A 246 -7.88 9.45 -0.68
C THR A 246 -7.27 9.18 0.71
N ARG A 247 -6.47 10.15 1.24
CA ARG A 247 -5.78 10.08 2.52
C ARG A 247 -4.79 8.89 2.59
N GLY A 248 -4.02 8.69 1.53
CA GLY A 248 -2.93 7.72 1.52
C GLY A 248 -3.11 6.39 0.82
N MET A 249 -4.16 6.24 0.00
CA MET A 249 -4.38 5.01 -0.77
C MET A 249 -3.29 4.81 -1.80
N THR A 250 -2.94 3.55 -2.08
CA THR A 250 -2.00 3.25 -3.15
C THR A 250 -2.72 3.51 -4.50
N PRO A 251 -2.09 4.19 -5.48
CA PRO A 251 -2.78 4.43 -6.78
C PRO A 251 -3.17 3.14 -7.53
N TYR A 252 -4.30 3.20 -8.27
CA TYR A 252 -4.84 2.13 -9.11
C TYR A 252 -5.09 0.81 -8.33
N PRO A 253 -6.00 0.80 -7.32
CA PRO A 253 -6.31 -0.48 -6.63
C PRO A 253 -6.80 -1.50 -7.66
N GLY A 254 -6.37 -2.74 -7.52
CA GLY A 254 -6.73 -3.81 -8.44
C GLY A 254 -5.87 -3.92 -9.68
N VAL A 255 -5.02 -2.90 -9.94
CA VAL A 255 -4.12 -2.88 -11.10
C VAL A 255 -2.68 -3.12 -10.62
N GLN A 256 -1.96 -4.03 -11.28
CA GLN A 256 -0.58 -4.36 -10.95
C GLN A 256 0.39 -3.47 -11.73
N ASN A 257 1.61 -3.26 -11.20
CA ASN A 257 2.64 -2.41 -11.81
C ASN A 257 2.98 -2.80 -13.26
N HIS A 258 3.04 -4.11 -13.56
CA HIS A 258 3.34 -4.61 -14.90
C HIS A 258 2.20 -4.38 -15.92
N GLU A 259 0.98 -4.09 -15.45
CA GLU A 259 -0.22 -3.86 -16.27
C GLU A 259 -0.45 -2.36 -16.55
N MET A 260 0.31 -1.48 -15.88
CA MET A 260 0.15 -0.03 -15.92
C MET A 260 0.25 0.60 -17.30
N TYR A 261 1.32 0.33 -18.07
CA TYR A 261 1.47 0.93 -19.40
C TYR A 261 0.29 0.66 -20.33
N ASP A 262 -0.12 -0.62 -20.40
CA ASP A 262 -1.22 -1.11 -21.22
C ASP A 262 -2.54 -0.48 -20.75
N TYR A 263 -2.75 -0.43 -19.41
CA TYR A 263 -3.94 0.15 -18.74
C TYR A 263 -4.08 1.63 -19.10
N LEU A 264 -2.96 2.37 -19.11
CA LEU A 264 -2.92 3.80 -19.43
C LEU A 264 -3.13 4.08 -20.92
N LEU A 265 -2.49 3.28 -21.79
CA LEU A 265 -2.57 3.38 -23.25
C LEU A 265 -4.01 3.18 -23.77
N HIS A 266 -4.85 2.48 -22.98
CA HIS A 266 -6.26 2.21 -23.23
C HIS A 266 -7.16 3.33 -22.71
N GLY A 267 -6.51 4.41 -22.29
CA GLY A 267 -7.18 5.63 -21.82
C GLY A 267 -7.73 5.58 -20.42
N HIS A 268 -7.43 4.53 -19.64
CA HIS A 268 -7.89 4.43 -18.26
C HIS A 268 -7.04 5.29 -17.36
N ARG A 269 -7.68 6.00 -16.42
CA ARG A 269 -7.00 6.87 -15.46
C ARG A 269 -7.46 6.58 -14.03
N LEU A 270 -6.78 7.19 -13.06
CA LEU A 270 -7.12 7.10 -11.63
C LEU A 270 -8.56 7.53 -11.46
N LYS A 271 -9.35 6.77 -10.72
CA LYS A 271 -10.78 7.04 -10.57
C LYS A 271 -11.03 8.10 -9.51
N GLN A 272 -12.14 8.82 -9.63
CA GLN A 272 -12.51 9.86 -8.67
C GLN A 272 -12.73 9.30 -7.25
N PRO A 273 -12.04 9.83 -6.19
CA PRO A 273 -12.33 9.39 -4.81
C PRO A 273 -13.81 9.70 -4.47
N GLU A 274 -14.45 8.91 -3.56
CA GLU A 274 -15.88 8.98 -3.22
C GLU A 274 -16.40 10.35 -2.79
N ASP A 275 -15.68 11.02 -1.88
CA ASP A 275 -16.05 12.31 -1.31
C ASP A 275 -15.47 13.54 -2.05
N CYS A 276 -14.67 13.28 -3.11
CA CYS A 276 -13.96 14.28 -3.91
C CYS A 276 -14.87 15.13 -4.78
N LEU A 277 -14.73 16.47 -4.66
CA LEU A 277 -15.45 17.45 -5.48
C LEU A 277 -15.13 17.22 -6.94
N ASP A 278 -16.14 17.30 -7.81
CA ASP A 278 -15.99 17.16 -9.27
C ASP A 278 -14.94 18.15 -9.80
N GLU A 279 -14.94 19.38 -9.22
CA GLU A 279 -14.06 20.51 -9.56
C GLU A 279 -12.60 20.16 -9.25
N LEU A 280 -12.35 19.50 -8.09
CA LEU A 280 -11.03 19.03 -7.67
C LEU A 280 -10.60 17.86 -8.57
N TYR A 281 -11.51 16.93 -8.86
CA TYR A 281 -11.22 15.82 -9.76
C TYR A 281 -10.89 16.31 -11.19
N GLU A 282 -11.55 17.39 -11.66
CA GLU A 282 -11.28 18.00 -12.98
C GLU A 282 -9.80 18.43 -13.05
N ILE A 283 -9.30 19.04 -11.96
CA ILE A 283 -7.90 19.50 -11.84
C ILE A 283 -6.92 18.34 -11.91
N MET A 284 -7.12 17.24 -11.13
CA MET A 284 -6.17 16.12 -11.17
C MET A 284 -6.22 15.37 -12.50
N TYR A 285 -7.43 15.24 -13.09
CA TYR A 285 -7.64 14.62 -14.40
C TYR A 285 -6.88 15.36 -15.51
N SER A 286 -6.88 16.71 -15.49
CA SER A 286 -6.15 17.56 -16.46
C SER A 286 -4.63 17.28 -16.46
N CYS A 287 -4.10 16.78 -15.31
CA CYS A 287 -2.69 16.41 -15.14
C CYS A 287 -2.33 15.14 -15.91
N TRP A 288 -3.32 14.36 -16.32
CA TRP A 288 -3.05 13.08 -16.98
C TRP A 288 -3.48 13.00 -18.44
N ARG A 289 -3.58 14.14 -19.12
CA ARG A 289 -3.92 14.13 -20.55
C ARG A 289 -2.80 13.42 -21.30
N THR A 290 -3.15 12.51 -22.24
CA THR A 290 -2.20 11.69 -23.02
C THR A 290 -1.07 12.52 -23.61
N ASP A 291 -1.40 13.67 -24.22
CA ASP A 291 -0.42 14.57 -24.82
C ASP A 291 0.11 15.49 -23.72
N PRO A 292 1.44 15.49 -23.47
CA PRO A 292 2.00 16.39 -22.43
C PRO A 292 1.69 17.88 -22.63
N LEU A 293 1.53 18.33 -23.89
CA LEU A 293 1.26 19.75 -24.20
C LEU A 293 -0.13 20.22 -23.75
N ASP A 294 -1.07 19.28 -23.56
CA ASP A 294 -2.44 19.55 -23.09
C ASP A 294 -2.52 19.73 -21.58
N ARG A 295 -1.53 19.18 -20.84
CA ARG A 295 -1.52 19.30 -19.38
C ARG A 295 -1.21 20.72 -18.97
N PRO A 296 -1.88 21.27 -17.92
CA PRO A 296 -1.58 22.65 -17.52
C PRO A 296 -0.18 22.72 -16.91
N THR A 297 0.38 23.94 -16.83
CA THR A 297 1.65 24.19 -16.17
C THR A 297 1.38 24.19 -14.66
N PHE A 298 2.43 24.18 -13.85
CA PHE A 298 2.27 24.28 -12.41
C PHE A 298 1.66 25.63 -11.99
N SER A 299 1.95 26.74 -12.74
CA SER A 299 1.40 28.07 -12.46
C SER A 299 -0.13 28.14 -12.60
N VAL A 300 -0.69 27.48 -13.62
CA VAL A 300 -2.14 27.37 -13.87
C VAL A 300 -2.77 26.54 -12.73
N LEU A 301 -2.21 25.33 -12.48
CA LEU A 301 -2.64 24.41 -11.39
C LEU A 301 -2.69 25.10 -10.02
N ARG A 302 -1.62 25.83 -9.68
CA ARG A 302 -1.50 26.48 -8.38
C ARG A 302 -2.71 27.40 -8.12
N LEU A 303 -3.06 28.23 -9.12
CA LEU A 303 -4.14 29.21 -9.06
C LEU A 303 -5.51 28.52 -9.06
N GLN A 304 -5.66 27.42 -9.81
CA GLN A 304 -6.90 26.63 -9.84
C GLN A 304 -7.18 26.07 -8.44
N LEU A 305 -6.15 25.63 -7.74
CA LEU A 305 -6.26 25.05 -6.38
C LEU A 305 -6.47 26.12 -5.31
N GLU A 306 -5.80 27.28 -5.46
CA GLU A 306 -5.93 28.43 -4.55
C GLU A 306 -7.35 29.02 -4.58
N LYS A 307 -7.93 29.17 -5.80
CA LYS A 307 -9.28 29.68 -6.07
C LYS A 307 -10.31 28.70 -5.53
N LEU A 308 -10.11 27.39 -5.75
CA LEU A 308 -10.98 26.34 -5.22
C LEU A 308 -10.97 26.40 -3.69
N LEU A 309 -9.78 26.53 -3.06
CA LEU A 309 -9.66 26.62 -1.61
C LEU A 309 -10.42 27.84 -1.05
N GLU A 310 -10.38 28.98 -1.76
CA GLU A 310 -11.07 30.20 -1.35
C GLU A 310 -12.59 30.09 -1.47
N SER A 311 -13.09 29.26 -2.41
CA SER A 311 -14.53 29.05 -2.63
C SER A 311 -15.20 28.20 -1.51
N LEU A 312 -14.39 27.64 -0.60
CA LEU A 312 -14.88 26.80 0.50
C LEU A 312 -15.00 27.57 1.82
N PRO A 313 -15.95 27.20 2.71
CA PRO A 313 -16.06 27.89 4.02
C PRO A 313 -14.82 27.71 4.90
N ASP A 314 -14.62 28.65 5.86
CA ASP A 314 -13.49 28.64 6.79
C ASP A 314 -13.58 27.51 7.83
N VAL A 315 -14.81 26.95 8.03
CA VAL A 315 -15.15 25.87 8.97
C VAL A 315 -14.17 24.68 8.88
N ASN B 26 -10.14 -44.84 -3.40
CA ASN B 26 -11.41 -44.17 -3.10
C ASN B 26 -11.20 -42.78 -2.47
N LYS B 27 -10.13 -42.63 -1.68
CA LYS B 27 -9.79 -41.37 -0.99
C LYS B 27 -9.32 -40.30 -1.98
N LEU B 28 -8.33 -40.64 -2.82
CA LEU B 28 -7.76 -39.72 -3.81
C LEU B 28 -8.53 -39.80 -5.14
N GLU B 29 -9.26 -40.91 -5.36
CA GLU B 29 -10.06 -41.18 -6.56
C GLU B 29 -11.27 -40.23 -6.69
N ASP B 30 -11.96 -39.94 -5.57
CA ASP B 30 -13.13 -39.05 -5.57
C ASP B 30 -12.75 -37.57 -5.77
N VAL B 31 -11.59 -37.14 -5.20
CA VAL B 31 -11.11 -35.76 -5.30
C VAL B 31 -10.55 -35.46 -6.74
N VAL B 32 -10.01 -36.48 -7.45
CA VAL B 32 -9.48 -36.27 -8.79
C VAL B 32 -10.64 -36.14 -9.81
N ILE B 33 -10.59 -35.08 -10.62
CA ILE B 33 -11.55 -34.75 -11.67
C ILE B 33 -10.87 -35.09 -13.01
N ASP B 34 -11.64 -35.71 -13.94
CA ASP B 34 -11.17 -36.05 -15.28
C ASP B 34 -10.81 -34.75 -16.01
N ARG B 35 -9.58 -34.66 -16.55
CA ARG B 35 -9.01 -33.50 -17.24
C ARG B 35 -9.86 -32.98 -18.43
N ASN B 36 -10.54 -33.88 -19.17
CA ASN B 36 -11.38 -33.49 -20.32
C ASN B 36 -12.69 -32.84 -19.92
N LEU B 37 -12.99 -32.82 -18.61
CA LEU B 37 -14.17 -32.15 -18.08
C LEU B 37 -13.84 -30.67 -17.87
N LEU B 38 -12.54 -30.31 -18.02
CA LEU B 38 -12.01 -28.97 -17.78
C LEU B 38 -11.46 -28.29 -19.01
N ILE B 39 -11.88 -27.04 -19.20
CA ILE B 39 -11.44 -26.15 -20.28
C ILE B 39 -10.83 -24.91 -19.61
N LEU B 40 -9.56 -24.64 -19.89
CA LEU B 40 -8.87 -23.50 -19.29
C LEU B 40 -9.03 -22.24 -20.10
N GLY B 41 -9.07 -21.11 -19.39
CA GLY B 41 -9.20 -19.79 -20.00
C GLY B 41 -8.06 -18.87 -19.65
N LYS B 42 -8.34 -17.57 -19.64
CA LYS B 42 -7.35 -16.53 -19.36
C LYS B 42 -6.93 -16.48 -17.89
N ILE B 43 -5.76 -15.88 -17.63
CA ILE B 43 -5.19 -15.74 -16.29
C ILE B 43 -5.96 -14.69 -15.48
N LEU B 44 -6.23 -14.99 -14.19
CA LEU B 44 -6.91 -14.09 -13.24
C LEU B 44 -5.89 -13.43 -12.33
N GLY B 45 -4.77 -14.10 -12.15
CA GLY B 45 -3.65 -13.66 -11.32
C GLY B 45 -2.52 -14.67 -11.35
N GLU B 46 -1.28 -14.18 -11.19
CA GLU B 46 -0.07 -15.02 -11.20
C GLU B 46 0.76 -14.74 -9.95
N GLY B 50 2.62 -20.09 -8.61
CA GLY B 50 1.61 -20.70 -9.46
C GLY B 50 0.55 -19.72 -9.97
N SER B 51 0.08 -19.95 -11.20
CA SER B 51 -0.93 -19.12 -11.86
C SER B 51 -2.38 -19.54 -11.58
N VAL B 52 -3.29 -18.56 -11.60
CA VAL B 52 -4.71 -18.76 -11.39
C VAL B 52 -5.40 -18.42 -12.73
N MET B 53 -6.24 -19.32 -13.22
CA MET B 53 -6.95 -19.13 -14.49
C MET B 53 -8.43 -19.29 -14.32
N GLU B 54 -9.22 -18.65 -15.18
CA GLU B 54 -10.67 -18.90 -15.24
C GLU B 54 -10.82 -20.21 -16.04
N GLY B 55 -11.95 -20.88 -15.89
CA GLY B 55 -12.19 -22.12 -16.61
C GLY B 55 -13.64 -22.55 -16.62
N ASN B 56 -13.93 -23.62 -17.37
CA ASN B 56 -15.25 -24.24 -17.44
C ASN B 56 -15.13 -25.69 -17.04
N LEU B 57 -16.04 -26.13 -16.19
CA LEU B 57 -16.09 -27.52 -15.76
C LEU B 57 -17.41 -28.17 -16.14
N LYS B 58 -17.37 -29.29 -16.89
CA LYS B 58 -18.60 -30.01 -17.22
C LYS B 58 -18.98 -30.81 -15.99
N GLN B 59 -20.26 -30.72 -15.59
CA GLN B 59 -20.82 -31.38 -14.42
C GLN B 59 -21.60 -32.65 -14.78
N GLU B 60 -21.99 -33.46 -13.77
CA GLU B 60 -22.71 -34.73 -13.96
C GLU B 60 -24.03 -34.58 -14.69
N ASP B 61 -24.77 -33.50 -14.39
CA ASP B 61 -26.06 -33.16 -14.99
C ASP B 61 -25.99 -32.55 -16.41
N GLY B 62 -24.83 -32.63 -17.07
CA GLY B 62 -24.63 -32.15 -18.43
C GLY B 62 -24.29 -30.67 -18.58
N THR B 63 -24.52 -29.87 -17.54
CA THR B 63 -24.23 -28.41 -17.60
C THR B 63 -22.77 -28.13 -17.32
N SER B 64 -22.32 -26.93 -17.71
CA SER B 64 -20.97 -26.46 -17.46
C SER B 64 -20.97 -25.36 -16.39
N LEU B 65 -20.03 -25.47 -15.45
CA LEU B 65 -19.89 -24.54 -14.35
C LEU B 65 -18.62 -23.71 -14.52
N LYS B 66 -18.72 -22.39 -14.29
CA LYS B 66 -17.55 -21.51 -14.36
C LYS B 66 -16.68 -21.75 -13.12
N VAL B 67 -15.38 -21.96 -13.34
CA VAL B 67 -14.43 -22.27 -12.26
C VAL B 67 -13.20 -21.37 -12.25
N ALA B 68 -12.48 -21.35 -11.12
CA ALA B 68 -11.17 -20.72 -10.99
C ALA B 68 -10.23 -21.92 -10.80
N VAL B 69 -9.09 -21.91 -11.49
CA VAL B 69 -8.13 -23.01 -11.51
C VAL B 69 -6.77 -22.51 -10.99
N LYS B 70 -6.32 -23.04 -9.85
CA LYS B 70 -5.03 -22.67 -9.27
C LYS B 70 -4.00 -23.76 -9.57
N THR B 71 -2.92 -23.40 -10.29
CA THR B 71 -1.85 -24.34 -10.63
C THR B 71 -0.84 -24.40 -9.48
N MET B 72 -0.49 -25.62 -9.05
CA MET B 72 0.44 -25.86 -7.94
C MET B 72 1.87 -26.18 -8.41
N ILE B 82 3.28 -35.21 -3.35
CA ILE B 82 2.60 -35.56 -4.60
C ILE B 82 1.28 -36.30 -4.30
N GLU B 83 1.34 -37.48 -3.66
CA GLU B 83 0.16 -38.26 -3.27
C GLU B 83 -0.39 -37.77 -1.92
N GLU B 84 0.47 -37.08 -1.12
CA GLU B 84 0.12 -36.47 0.17
C GLU B 84 -0.68 -35.18 -0.04
N PHE B 85 -0.48 -34.52 -1.21
CA PHE B 85 -1.20 -33.31 -1.63
C PHE B 85 -2.66 -33.65 -1.88
N LEU B 86 -2.92 -34.84 -2.47
CA LEU B 86 -4.26 -35.35 -2.77
C LEU B 86 -5.04 -35.66 -1.49
N SER B 87 -4.34 -36.02 -0.38
CA SER B 87 -4.91 -36.32 0.93
C SER B 87 -5.44 -35.05 1.61
N GLU B 88 -4.66 -33.94 1.57
CA GLU B 88 -5.10 -32.66 2.14
C GLU B 88 -6.19 -32.01 1.27
N ALA B 89 -6.22 -32.36 -0.04
CA ALA B 89 -7.22 -31.89 -0.99
C ALA B 89 -8.54 -32.63 -0.75
N ALA B 90 -8.45 -33.91 -0.33
CA ALA B 90 -9.60 -34.74 0.03
C ALA B 90 -10.25 -34.21 1.32
N CYS B 91 -9.42 -33.68 2.25
CA CYS B 91 -9.80 -33.07 3.52
C CYS B 91 -10.63 -31.81 3.23
N MET B 92 -10.09 -30.89 2.40
CA MET B 92 -10.74 -29.64 2.00
C MET B 92 -12.00 -29.88 1.18
N LYS B 93 -12.06 -30.96 0.37
CA LYS B 93 -13.21 -31.29 -0.47
C LYS B 93 -14.48 -31.54 0.35
N ASP B 94 -14.34 -32.16 1.53
CA ASP B 94 -15.48 -32.51 2.38
C ASP B 94 -16.00 -31.34 3.23
N PHE B 95 -15.29 -30.18 3.23
CA PHE B 95 -15.74 -28.96 3.92
C PHE B 95 -17.01 -28.46 3.24
N SER B 96 -18.05 -28.22 4.03
CA SER B 96 -19.34 -27.78 3.52
C SER B 96 -19.89 -26.79 4.51
N HIS B 97 -19.70 -25.51 4.22
CA HIS B 97 -20.17 -24.39 5.04
C HIS B 97 -20.34 -23.20 4.12
N PRO B 98 -21.45 -22.44 4.28
CA PRO B 98 -21.66 -21.26 3.43
C PRO B 98 -20.54 -20.18 3.48
N ASN B 99 -19.77 -20.07 4.57
CA ASN B 99 -18.71 -19.06 4.69
C ASN B 99 -17.31 -19.62 4.50
N VAL B 100 -17.23 -20.74 3.79
CA VAL B 100 -15.99 -21.44 3.49
C VAL B 100 -16.03 -21.81 2.00
N MET B 101 -14.95 -21.50 1.27
CA MET B 101 -14.96 -21.87 -0.13
C MET B 101 -14.75 -23.37 -0.26
N ARG B 102 -15.58 -24.02 -1.09
N ARG B 102 -15.57 -24.01 -1.10
CA ARG B 102 -15.46 -25.46 -1.32
CA ARG B 102 -15.46 -25.45 -1.33
C ARG B 102 -14.46 -25.76 -2.43
C ARG B 102 -14.44 -25.75 -2.42
N LEU B 103 -13.80 -26.91 -2.36
CA LEU B 103 -12.82 -27.36 -3.35
C LEU B 103 -13.61 -28.39 -4.17
N LEU B 104 -13.84 -28.08 -5.45
CA LEU B 104 -14.62 -28.94 -6.34
C LEU B 104 -13.85 -30.21 -6.69
N GLY B 105 -12.52 -30.09 -6.78
CA GLY B 105 -11.65 -31.23 -7.06
C GLY B 105 -10.26 -30.86 -7.48
N VAL B 106 -9.49 -31.86 -7.91
CA VAL B 106 -8.11 -31.71 -8.37
C VAL B 106 -7.95 -32.35 -9.76
N CYS B 107 -7.37 -31.60 -10.71
CA CYS B 107 -7.09 -32.05 -12.08
C CYS B 107 -5.59 -32.26 -12.22
N ILE B 108 -5.18 -33.41 -12.76
CA ILE B 108 -3.77 -33.68 -13.02
C ILE B 108 -3.51 -33.42 -14.51
N GLU B 109 -2.69 -32.39 -14.79
CA GLU B 109 -2.30 -32.00 -16.13
C GLU B 109 -1.00 -32.76 -16.43
N MET B 110 -1.03 -33.68 -17.42
CA MET B 110 0.12 -34.47 -17.85
C MET B 110 0.80 -33.76 -19.02
N SER B 111 1.99 -33.19 -18.80
CA SER B 111 2.73 -32.48 -19.85
C SER B 111 3.18 -33.41 -20.98
N SER B 112 3.63 -32.83 -22.11
CA SER B 112 4.13 -33.55 -23.28
C SER B 112 5.38 -34.41 -22.95
N GLN B 113 6.10 -34.04 -21.87
CA GLN B 113 7.27 -34.78 -21.37
C GLN B 113 6.94 -35.75 -20.22
N GLY B 114 5.66 -36.04 -20.05
CA GLY B 114 5.15 -36.97 -19.05
C GLY B 114 5.22 -36.56 -17.59
N ILE B 115 5.45 -35.25 -17.31
CA ILE B 115 5.53 -34.75 -15.93
C ILE B 115 4.14 -34.25 -15.45
N PRO B 116 3.64 -34.75 -14.29
CA PRO B 116 2.33 -34.31 -13.80
C PRO B 116 2.35 -32.92 -13.14
N LYS B 117 1.24 -32.18 -13.31
CA LYS B 117 1.05 -30.83 -12.78
C LYS B 117 -0.34 -30.77 -12.13
N PRO B 118 -0.42 -30.71 -10.77
CA PRO B 118 -1.74 -30.67 -10.14
C PRO B 118 -2.41 -29.30 -10.23
N MET B 119 -3.75 -29.30 -10.37
CA MET B 119 -4.56 -28.09 -10.46
C MET B 119 -5.73 -28.16 -9.49
N VAL B 120 -5.87 -27.13 -8.65
CA VAL B 120 -6.97 -27.03 -7.69
C VAL B 120 -8.16 -26.38 -8.39
N ILE B 121 -9.30 -27.07 -8.42
CA ILE B 121 -10.52 -26.58 -9.06
C ILE B 121 -11.43 -25.96 -8.01
N LEU B 122 -11.75 -24.68 -8.17
CA LEU B 122 -12.56 -23.92 -7.22
C LEU B 122 -13.75 -23.25 -7.90
N PRO B 123 -14.89 -23.03 -7.22
CA PRO B 123 -16.00 -22.27 -7.87
C PRO B 123 -15.59 -20.83 -8.23
N PHE B 124 -16.02 -20.32 -9.40
CA PHE B 124 -15.70 -18.97 -9.87
C PHE B 124 -16.59 -17.94 -9.18
N MET B 125 -15.95 -16.93 -8.57
CA MET B 125 -16.64 -15.84 -7.87
C MET B 125 -16.27 -14.51 -8.51
N LYS B 126 -17.15 -14.05 -9.43
CA LYS B 126 -17.00 -12.83 -10.22
C LYS B 126 -16.65 -11.59 -9.42
N TYR B 127 -17.24 -11.43 -8.20
CA TYR B 127 -17.03 -10.27 -7.35
C TYR B 127 -15.62 -10.18 -6.73
N GLY B 128 -14.84 -11.25 -6.86
CA GLY B 128 -13.45 -11.27 -6.41
C GLY B 128 -13.26 -11.25 -4.91
N ASP B 129 -12.04 -10.82 -4.49
CA ASP B 129 -11.58 -10.74 -3.11
C ASP B 129 -12.08 -9.49 -2.38
N LEU B 130 -12.22 -9.64 -1.06
CA LEU B 130 -12.71 -8.57 -0.18
C LEU B 130 -11.79 -7.36 -0.08
N HIS B 131 -10.47 -7.55 -0.08
CA HIS B 131 -9.52 -6.45 0.04
C HIS B 131 -9.72 -5.44 -1.12
N THR B 132 -9.73 -5.93 -2.36
CA THR B 132 -9.97 -5.14 -3.58
C THR B 132 -11.35 -4.47 -3.50
N TYR B 133 -12.37 -5.21 -3.06
CA TYR B 133 -13.72 -4.66 -2.92
C TYR B 133 -13.74 -3.44 -2.01
N LEU B 134 -13.11 -3.52 -0.81
CA LEU B 134 -13.02 -2.43 0.17
C LEU B 134 -12.38 -1.17 -0.45
N LEU B 135 -11.28 -1.31 -1.21
CA LEU B 135 -10.60 -0.20 -1.87
C LEU B 135 -11.50 0.42 -2.96
N TYR B 136 -12.18 -0.42 -3.81
CA TYR B 136 -13.08 0.14 -4.83
C TYR B 136 -14.21 0.93 -4.21
N SER B 137 -14.65 0.53 -2.99
CA SER B 137 -15.75 1.19 -2.27
C SER B 137 -15.41 2.63 -1.95
N ARG B 138 -14.10 2.97 -2.01
CA ARG B 138 -13.62 4.30 -1.71
C ARG B 138 -13.52 5.19 -2.96
N LEU B 139 -13.88 4.62 -4.12
CA LEU B 139 -13.91 5.27 -5.44
C LEU B 139 -15.35 5.41 -5.92
N GLU B 140 -15.69 6.54 -6.59
CA GLU B 140 -17.03 6.87 -7.10
C GLU B 140 -17.60 5.86 -8.10
N THR B 141 -16.74 5.25 -8.95
CA THR B 141 -17.19 4.26 -9.94
C THR B 141 -17.40 2.88 -9.32
N GLY B 142 -16.75 2.65 -8.18
CA GLY B 142 -16.84 1.38 -7.47
C GLY B 142 -18.13 1.24 -6.67
N PRO B 143 -18.18 0.26 -5.76
CA PRO B 143 -19.38 0.08 -4.93
C PRO B 143 -19.64 1.26 -4.01
N LYS B 144 -20.88 1.39 -3.53
CA LYS B 144 -21.29 2.48 -2.64
C LYS B 144 -20.51 2.45 -1.34
N HIS B 145 -20.44 3.61 -0.63
CA HIS B 145 -19.77 3.74 0.65
C HIS B 145 -20.34 2.66 1.59
N ILE B 146 -19.48 1.69 2.01
CA ILE B 146 -19.90 0.57 2.85
C ILE B 146 -20.31 1.05 4.25
N PRO B 147 -21.60 0.88 4.63
CA PRO B 147 -22.00 1.30 6.00
C PRO B 147 -21.47 0.31 7.05
N LEU B 148 -21.33 0.75 8.31
CA LEU B 148 -20.84 -0.05 9.44
C LEU B 148 -21.53 -1.43 9.59
N GLN B 149 -22.84 -1.51 9.30
CA GLN B 149 -23.65 -2.72 9.40
C GLN B 149 -23.19 -3.79 8.40
N THR B 150 -22.76 -3.37 7.20
CA THR B 150 -22.25 -4.23 6.14
C THR B 150 -20.79 -4.64 6.44
N LEU B 151 -19.98 -3.71 7.00
CA LEU B 151 -18.60 -4.02 7.40
C LEU B 151 -18.57 -5.11 8.50
N LEU B 152 -19.52 -5.04 9.45
CA LEU B 152 -19.66 -5.98 10.56
C LEU B 152 -20.15 -7.32 10.11
N LYS B 153 -21.07 -7.34 9.13
CA LYS B 153 -21.58 -8.58 8.58
C LYS B 153 -20.45 -9.31 7.85
N PHE B 154 -19.49 -8.57 7.27
CA PHE B 154 -18.31 -9.19 6.64
C PHE B 154 -17.51 -9.93 7.69
N MET B 155 -17.32 -9.31 8.87
CA MET B 155 -16.55 -9.86 10.00
C MET B 155 -17.23 -11.11 10.57
N VAL B 156 -18.57 -11.06 10.75
CA VAL B 156 -19.41 -12.16 11.21
C VAL B 156 -19.25 -13.36 10.26
N ASP B 157 -19.38 -13.11 8.93
CA ASP B 157 -19.23 -14.10 7.85
C ASP B 157 -17.90 -14.85 7.98
N ILE B 158 -16.77 -14.12 8.04
CA ILE B 158 -15.42 -14.68 8.20
C ILE B 158 -15.29 -15.44 9.54
N ALA B 159 -15.97 -14.94 10.59
CA ALA B 159 -15.87 -15.55 11.91
C ALA B 159 -16.60 -16.90 11.94
N LEU B 160 -17.76 -16.99 11.24
CA LEU B 160 -18.56 -18.22 11.12
C LEU B 160 -17.79 -19.27 10.32
N GLY B 161 -17.05 -18.83 9.31
CA GLY B 161 -16.21 -19.68 8.48
C GLY B 161 -15.03 -20.20 9.25
N MET B 162 -14.39 -19.32 10.04
CA MET B 162 -13.24 -19.68 10.85
C MET B 162 -13.62 -20.56 12.03
N GLU B 163 -14.81 -20.36 12.61
CA GLU B 163 -15.36 -21.16 13.70
C GLU B 163 -15.57 -22.60 13.16
N TYR B 164 -16.16 -22.72 11.95
CA TYR B 164 -16.37 -23.99 11.25
C TYR B 164 -15.06 -24.76 11.09
N LEU B 165 -14.01 -24.12 10.52
CA LEU B 165 -12.68 -24.72 10.30
C LEU B 165 -11.97 -25.15 11.62
N SER B 166 -11.98 -24.27 12.65
CA SER B 166 -11.38 -24.49 13.97
C SER B 166 -12.04 -25.67 14.71
N ASN B 167 -13.36 -25.89 14.51
CA ASN B 167 -14.11 -27.01 15.08
C ASN B 167 -13.66 -28.34 14.47
N ARG B 168 -13.25 -28.27 13.19
CA ARG B 168 -12.73 -29.39 12.41
C ARG B 168 -11.25 -29.53 12.66
N ASN B 169 -10.68 -28.65 13.55
CA ASN B 169 -9.26 -28.58 13.92
C ASN B 169 -8.37 -28.34 12.71
N PHE B 170 -8.87 -27.52 11.78
CA PHE B 170 -8.16 -27.16 10.57
C PHE B 170 -7.56 -25.77 10.69
N LEU B 171 -6.28 -25.64 10.36
CA LEU B 171 -5.60 -24.34 10.41
C LEU B 171 -5.66 -23.65 9.06
N HIS B 172 -5.97 -22.35 9.05
CA HIS B 172 -6.01 -21.57 7.82
C HIS B 172 -4.57 -21.26 7.38
N ARG B 173 -3.78 -20.57 8.27
CA ARG B 173 -2.36 -20.21 8.12
C ARG B 173 -2.10 -19.02 7.18
N ASP B 174 -3.13 -18.50 6.50
CA ASP B 174 -2.97 -17.37 5.59
C ASP B 174 -4.23 -16.50 5.57
N LEU B 175 -4.87 -16.29 6.74
CA LEU B 175 -6.07 -15.46 6.81
C LEU B 175 -5.71 -13.97 6.69
N ALA B 176 -6.39 -13.28 5.75
CA ALA B 176 -6.24 -11.84 5.45
C ALA B 176 -7.39 -11.49 4.55
N ALA B 177 -7.81 -10.20 4.49
CA ALA B 177 -8.91 -9.72 3.61
C ALA B 177 -8.71 -10.14 2.14
N ARG B 178 -7.46 -10.15 1.65
CA ARG B 178 -7.12 -10.59 0.29
C ARG B 178 -7.50 -12.05 -0.01
N ASN B 179 -7.57 -12.92 1.04
CA ASN B 179 -7.95 -14.33 0.90
C ASN B 179 -9.41 -14.60 1.29
N CYS B 180 -10.20 -13.55 1.52
CA CYS B 180 -11.64 -13.68 1.76
C CYS B 180 -12.35 -13.34 0.44
N MET B 181 -13.23 -14.23 -0.03
CA MET B 181 -13.92 -14.08 -1.32
C MET B 181 -15.40 -13.73 -1.19
N LEU B 182 -15.92 -12.92 -2.12
CA LEU B 182 -17.33 -12.52 -2.14
C LEU B 182 -18.14 -13.44 -3.05
N ARG B 183 -19.20 -14.04 -2.50
CA ARG B 183 -20.11 -14.92 -3.25
C ARG B 183 -21.04 -14.03 -4.08
N ASP B 184 -21.79 -14.61 -5.03
CA ASP B 184 -22.71 -13.84 -5.89
C ASP B 184 -23.82 -13.09 -5.11
N ASP B 185 -24.11 -13.56 -3.88
CA ASP B 185 -25.12 -12.94 -3.00
C ASP B 185 -24.49 -11.96 -2.00
N MET B 186 -23.21 -11.56 -2.23
CA MET B 186 -22.42 -10.63 -1.41
C MET B 186 -22.14 -11.11 0.03
N THR B 187 -22.24 -12.42 0.29
CA THR B 187 -21.84 -12.99 1.56
C THR B 187 -20.36 -13.31 1.39
N VAL B 188 -19.59 -13.28 2.50
CA VAL B 188 -18.15 -13.53 2.48
C VAL B 188 -17.80 -14.98 2.83
N CYS B 189 -16.83 -15.55 2.12
CA CYS B 189 -16.34 -16.86 2.42
C CYS B 189 -14.83 -16.86 2.60
N VAL B 190 -14.31 -17.71 3.52
CA VAL B 190 -12.88 -17.84 3.72
C VAL B 190 -12.34 -18.77 2.60
N ALA B 191 -11.16 -18.45 2.06
CA ALA B 191 -10.59 -19.18 0.93
C ALA B 191 -9.07 -19.23 1.01
N ASP B 192 -8.42 -19.85 -0.01
CA ASP B 192 -6.97 -19.96 -0.12
C ASP B 192 -6.29 -20.47 1.18
N PHE B 193 -6.93 -21.41 1.88
CA PHE B 193 -6.47 -22.03 3.13
C PHE B 193 -5.69 -23.31 2.87
N MET B 213 6.67 -13.02 2.45
CA MET B 213 5.66 -13.69 3.26
C MET B 213 4.71 -12.67 3.97
N PRO B 214 3.51 -13.09 4.49
CA PRO B 214 2.60 -12.09 5.09
C PRO B 214 2.89 -11.71 6.54
N VAL B 215 4.12 -11.22 6.81
CA VAL B 215 4.67 -10.81 8.11
C VAL B 215 3.63 -10.09 9.01
N LYS B 216 2.92 -9.11 8.45
CA LYS B 216 1.98 -8.23 9.15
C LYS B 216 0.65 -8.90 9.58
N TRP B 217 0.46 -10.18 9.23
CA TRP B 217 -0.68 -11.00 9.63
C TRP B 217 -0.26 -12.13 10.60
N ILE B 218 1.06 -12.38 10.74
CA ILE B 218 1.64 -13.44 11.57
C ILE B 218 1.71 -13.06 13.08
N ALA B 219 1.11 -13.91 13.94
CA ALA B 219 1.11 -13.76 15.40
C ALA B 219 2.53 -13.71 15.96
N ILE B 220 2.72 -12.93 17.03
CA ILE B 220 4.01 -12.70 17.70
C ILE B 220 4.79 -14.03 17.96
N GLU B 221 4.13 -15.06 18.53
CA GLU B 221 4.76 -16.36 18.84
C GLU B 221 5.14 -17.17 17.58
N SER B 222 4.42 -16.94 16.46
CA SER B 222 4.67 -17.60 15.18
C SER B 222 5.85 -16.94 14.46
N LEU B 223 6.11 -15.64 14.76
CA LEU B 223 7.26 -14.92 14.21
C LEU B 223 8.55 -15.38 14.93
N ALA B 224 8.48 -15.60 16.27
CA ALA B 224 9.61 -16.06 17.09
C ALA B 224 9.93 -17.52 16.80
N ASP B 225 8.97 -18.42 17.06
CA ASP B 225 9.08 -19.86 16.81
C ASP B 225 8.56 -20.13 15.38
N ARG B 226 8.16 -21.37 15.10
CA ARG B 226 7.55 -21.74 13.82
C ARG B 226 6.14 -22.26 14.11
N VAL B 227 5.76 -22.23 15.42
CA VAL B 227 4.50 -22.65 16.03
C VAL B 227 3.30 -21.98 15.37
N TYR B 228 2.29 -22.79 14.99
CA TYR B 228 1.06 -22.30 14.41
C TYR B 228 -0.15 -23.08 14.95
N THR B 229 -1.06 -22.38 15.66
CA THR B 229 -2.28 -22.95 16.24
C THR B 229 -3.53 -22.18 15.77
N SER B 230 -4.72 -22.55 16.25
CA SER B 230 -5.97 -21.84 15.95
C SER B 230 -5.95 -20.42 16.52
N LYS B 231 -5.08 -20.18 17.53
CA LYS B 231 -4.93 -18.89 18.17
C LYS B 231 -4.04 -17.97 17.35
N SER B 232 -3.21 -18.54 16.46
CA SER B 232 -2.40 -17.77 15.52
C SER B 232 -3.37 -17.27 14.43
N ASP B 233 -4.35 -18.12 14.04
CA ASP B 233 -5.40 -17.78 13.07
C ASP B 233 -6.32 -16.69 13.66
N VAL B 234 -6.50 -16.69 15.01
CA VAL B 234 -7.33 -15.72 15.76
C VAL B 234 -6.66 -14.33 15.66
N TRP B 235 -5.29 -14.29 15.71
CA TRP B 235 -4.50 -13.04 15.58
C TRP B 235 -4.71 -12.46 14.18
N ALA B 236 -4.52 -13.30 13.12
CA ALA B 236 -4.70 -12.93 11.71
C ALA B 236 -6.11 -12.43 11.46
N PHE B 237 -7.09 -12.98 12.18
CA PHE B 237 -8.50 -12.55 12.11
C PHE B 237 -8.65 -11.13 12.61
N GLY B 238 -8.00 -10.83 13.74
CA GLY B 238 -7.97 -9.50 14.34
C GLY B 238 -7.44 -8.48 13.35
N VAL B 239 -6.34 -8.85 12.64
CA VAL B 239 -5.72 -8.00 11.62
C VAL B 239 -6.72 -7.80 10.46
N THR B 240 -7.38 -8.89 10.04
CA THR B 240 -8.41 -8.87 8.97
C THR B 240 -9.57 -7.94 9.36
N MET B 241 -9.98 -7.94 10.65
CA MET B 241 -11.06 -7.05 11.14
C MET B 241 -10.65 -5.59 10.99
N TRP B 242 -9.38 -5.29 11.30
CA TRP B 242 -8.75 -3.98 11.17
C TRP B 242 -8.72 -3.56 9.69
N GLU B 243 -8.34 -4.46 8.76
CA GLU B 243 -8.35 -4.20 7.31
C GLU B 243 -9.74 -3.79 6.79
N ILE B 244 -10.79 -4.40 7.31
CA ILE B 244 -12.17 -4.12 6.94
C ILE B 244 -12.64 -2.79 7.53
N ALA B 245 -12.32 -2.53 8.80
CA ALA B 245 -12.70 -1.29 9.51
C ALA B 245 -12.01 -0.04 8.94
N THR B 246 -10.80 -0.20 8.34
CA THR B 246 -10.06 0.91 7.73
C THR B 246 -10.37 0.97 6.23
N ARG B 247 -11.18 0.00 5.74
CA ARG B 247 -11.58 -0.15 4.35
C ARG B 247 -10.38 -0.36 3.42
N GLY B 248 -9.43 -1.17 3.83
CA GLY B 248 -8.31 -1.59 2.98
C GLY B 248 -6.91 -1.12 3.27
N MET B 249 -6.70 -0.36 4.36
CA MET B 249 -5.37 0.13 4.73
C MET B 249 -4.43 -1.02 4.98
N THR B 250 -3.16 -0.83 4.62
CA THR B 250 -2.12 -1.81 4.92
C THR B 250 -1.86 -1.72 6.43
N PRO B 251 -1.78 -2.87 7.14
CA PRO B 251 -1.51 -2.80 8.59
C PRO B 251 -0.20 -2.11 8.97
N TYR B 252 -0.21 -1.48 10.15
CA TYR B 252 0.92 -0.79 10.78
C TYR B 252 1.54 0.28 9.86
N PRO B 253 0.77 1.35 9.47
CA PRO B 253 1.36 2.41 8.64
C PRO B 253 2.57 3.01 9.38
N GLY B 254 3.67 3.20 8.66
CA GLY B 254 4.90 3.73 9.25
C GLY B 254 5.81 2.69 9.84
N VAL B 255 5.42 1.40 9.81
CA VAL B 255 6.25 0.29 10.31
C VAL B 255 6.62 -0.61 9.12
N GLN B 256 7.92 -0.89 8.95
CA GLN B 256 8.43 -1.77 7.90
C GLN B 256 8.33 -3.23 8.34
N ASN B 257 8.26 -4.16 7.37
CA ASN B 257 8.16 -5.60 7.67
C ASN B 257 9.30 -6.13 8.56
N HIS B 258 10.54 -5.63 8.38
CA HIS B 258 11.69 -6.05 9.19
C HIS B 258 11.67 -5.58 10.66
N GLU B 259 10.87 -4.53 10.98
CA GLU B 259 10.77 -3.97 12.34
C GLU B 259 9.61 -4.57 13.13
N MET B 260 8.78 -5.37 12.47
CA MET B 260 7.54 -5.92 12.99
C MET B 260 7.67 -6.75 14.26
N TYR B 261 8.62 -7.70 14.33
CA TYR B 261 8.78 -8.52 15.53
C TYR B 261 9.18 -7.68 16.75
N ASP B 262 10.17 -6.76 16.60
CA ASP B 262 10.62 -5.90 17.69
C ASP B 262 9.49 -4.97 18.15
N TYR B 263 8.74 -4.39 17.18
CA TYR B 263 7.58 -3.53 17.41
C TYR B 263 6.56 -4.26 18.25
N LEU B 264 6.29 -5.55 17.91
CA LEU B 264 5.35 -6.41 18.63
C LEU B 264 5.87 -6.81 20.01
N LEU B 265 7.17 -7.15 20.10
CA LEU B 265 7.86 -7.52 21.34
C LEU B 265 7.75 -6.41 22.39
N HIS B 266 7.85 -5.14 21.96
CA HIS B 266 7.74 -3.94 22.80
C HIS B 266 6.27 -3.65 23.24
N GLY B 267 5.34 -4.50 22.78
CA GLY B 267 3.92 -4.43 23.12
C GLY B 267 3.04 -3.54 22.29
N HIS B 268 3.55 -3.03 21.15
CA HIS B 268 2.74 -2.17 20.30
C HIS B 268 1.84 -3.02 19.41
N ARG B 269 0.57 -2.59 19.26
CA ARG B 269 -0.43 -3.27 18.43
C ARG B 269 -1.01 -2.29 17.42
N LEU B 270 -1.85 -2.82 16.47
CA LEU B 270 -2.54 -2.01 15.49
C LEU B 270 -3.39 -1.01 16.24
N LYS B 271 -3.32 0.26 15.83
CA LYS B 271 -4.03 1.37 16.47
C LYS B 271 -5.50 1.37 16.07
N GLN B 272 -6.34 1.96 16.93
CA GLN B 272 -7.76 2.08 16.69
C GLN B 272 -8.07 2.96 15.47
N PRO B 273 -8.80 2.43 14.44
CA PRO B 273 -9.17 3.28 13.29
C PRO B 273 -10.03 4.45 13.75
N GLU B 274 -9.95 5.59 13.04
CA GLU B 274 -10.62 6.87 13.32
C GLU B 274 -12.10 6.76 13.65
N ASP B 275 -12.88 6.06 12.81
CA ASP B 275 -14.34 5.94 13.00
C ASP B 275 -14.77 4.56 13.55
N CYS B 276 -13.91 3.96 14.39
CA CYS B 276 -14.14 2.64 14.95
C CYS B 276 -14.73 2.70 16.34
N LEU B 277 -15.90 2.06 16.53
CA LEU B 277 -16.54 1.94 17.85
C LEU B 277 -15.58 1.28 18.83
N ASP B 278 -15.51 1.79 20.07
CA ASP B 278 -14.63 1.22 21.11
C ASP B 278 -14.89 -0.27 21.33
N GLU B 279 -16.17 -0.68 21.25
CA GLU B 279 -16.61 -2.08 21.44
C GLU B 279 -15.99 -2.95 20.34
N LEU B 280 -15.98 -2.46 19.09
CA LEU B 280 -15.37 -3.16 17.96
C LEU B 280 -13.86 -3.29 18.13
N TYR B 281 -13.18 -2.20 18.56
CA TYR B 281 -11.74 -2.22 18.80
C TYR B 281 -11.34 -3.17 19.94
N GLU B 282 -12.19 -3.28 20.99
CA GLU B 282 -11.99 -4.23 22.12
C GLU B 282 -11.89 -5.67 21.57
N ILE B 283 -12.80 -6.02 20.64
CA ILE B 283 -12.87 -7.34 20.01
C ILE B 283 -11.61 -7.62 19.18
N MET B 284 -11.14 -6.65 18.34
CA MET B 284 -9.93 -6.90 17.55
C MET B 284 -8.67 -6.92 18.39
N TYR B 285 -8.58 -6.05 19.42
CA TYR B 285 -7.44 -6.00 20.36
C TYR B 285 -7.30 -7.32 21.12
N SER B 286 -8.45 -7.92 21.56
CA SER B 286 -8.46 -9.23 22.25
C SER B 286 -7.75 -10.35 21.45
N CYS B 287 -7.74 -10.24 20.10
CA CYS B 287 -7.09 -11.15 19.16
C CYS B 287 -5.58 -11.08 19.22
N TRP B 288 -5.03 -9.98 19.69
CA TRP B 288 -3.58 -9.80 19.68
C TRP B 288 -2.93 -9.89 21.06
N ARG B 289 -3.60 -10.52 22.02
CA ARG B 289 -3.04 -10.72 23.35
C ARG B 289 -1.72 -11.50 23.24
N THR B 290 -0.64 -11.06 23.92
CA THR B 290 0.68 -11.71 23.84
C THR B 290 0.60 -13.22 24.05
N ASP B 291 -0.14 -13.66 25.09
CA ASP B 291 -0.30 -15.10 25.34
C ASP B 291 -1.49 -15.61 24.53
N PRO B 292 -1.24 -16.58 23.62
CA PRO B 292 -2.33 -17.13 22.79
C PRO B 292 -3.52 -17.69 23.56
N LEU B 293 -3.28 -18.20 24.79
CA LEU B 293 -4.34 -18.76 25.64
C LEU B 293 -5.34 -17.69 26.15
N ASP B 294 -4.93 -16.40 26.15
CA ASP B 294 -5.78 -15.27 26.53
C ASP B 294 -6.66 -14.81 25.36
N ARG B 295 -6.29 -15.18 24.13
CA ARG B 295 -7.06 -14.81 22.94
C ARG B 295 -8.35 -15.63 22.90
N PRO B 296 -9.50 -15.03 22.54
CA PRO B 296 -10.74 -15.82 22.50
C PRO B 296 -10.77 -16.80 21.32
N THR B 297 -11.64 -17.83 21.40
CA THR B 297 -11.82 -18.77 20.30
C THR B 297 -12.64 -18.06 19.19
N PHE B 298 -12.69 -18.64 18.00
CA PHE B 298 -13.53 -18.06 16.94
C PHE B 298 -15.02 -18.04 17.31
N SER B 299 -15.45 -18.99 18.16
CA SER B 299 -16.82 -19.13 18.65
C SER B 299 -17.22 -17.95 19.54
N VAL B 300 -16.32 -17.49 20.42
CA VAL B 300 -16.55 -16.35 21.31
C VAL B 300 -16.61 -15.09 20.44
N LEU B 301 -15.63 -14.94 19.53
CA LEU B 301 -15.49 -13.83 18.57
C LEU B 301 -16.73 -13.62 17.72
N ARG B 302 -17.20 -14.69 17.07
CA ARG B 302 -18.37 -14.74 16.21
C ARG B 302 -19.61 -14.17 16.92
N LEU B 303 -19.86 -14.59 18.18
CA LEU B 303 -21.02 -14.14 18.98
C LEU B 303 -20.88 -12.70 19.43
N GLN B 304 -19.67 -12.25 19.80
CA GLN B 304 -19.44 -10.85 20.17
C GLN B 304 -19.76 -9.95 19.00
N LEU B 305 -19.33 -10.34 17.78
CA LEU B 305 -19.58 -9.58 16.55
C LEU B 305 -21.06 -9.55 16.19
N GLU B 306 -21.74 -10.71 16.28
CA GLU B 306 -23.18 -10.84 15.98
C GLU B 306 -24.02 -9.98 16.93
N LYS B 307 -23.64 -9.95 18.22
CA LYS B 307 -24.33 -9.17 19.26
C LYS B 307 -24.05 -7.68 19.07
N LEU B 308 -22.82 -7.31 18.64
CA LEU B 308 -22.49 -5.92 18.34
C LEU B 308 -23.28 -5.45 17.12
N LEU B 309 -23.38 -6.30 16.07
CA LEU B 309 -24.15 -5.98 14.86
C LEU B 309 -25.64 -5.81 15.20
N GLU B 310 -26.14 -6.62 16.15
CA GLU B 310 -27.52 -6.61 16.64
C GLU B 310 -27.84 -5.28 17.37
N SER B 311 -26.91 -4.78 18.23
CA SER B 311 -27.05 -3.54 19.00
C SER B 311 -27.12 -2.24 18.17
N LEU B 312 -26.63 -2.26 16.91
CA LEU B 312 -26.65 -1.08 16.04
C LEU B 312 -28.05 -0.76 15.53
N PRO B 313 -28.44 0.55 15.49
CA PRO B 313 -29.79 0.89 14.99
C PRO B 313 -29.90 0.88 13.45
#